data_2CCG
#
_entry.id   2CCG
#
_cell.length_a   54.540
_cell.length_b   51.270
_cell.length_c   72.940
_cell.angle_alpha   90.00
_cell.angle_beta   103.63
_cell.angle_gamma   90.00
#
_symmetry.space_group_name_H-M   'P 1 21 1'
#
loop_
_entity.id
_entity.type
_entity.pdbx_description
1 polymer 'THYMIDYLATE KINASE'
2 non-polymer "THYMIDINE-5'-PHOSPHATE"
3 water water
#
_entity_poly.entity_id   1
_entity_poly.type   'polypeptide(L)'
_entity_poly.pdbx_seq_one_letter_code
;MGSSHHHHHHSSGLVPRGSHMSAFITFEGPEGSGKTTVINEVYHRLVKDYDVIMTREPGGVPTGEEIRKIVLEGNDMDIR
TEAMLFAASRREHLVLKVIPALKEGKVVLCDRYIDSSLAYQGYARGIGVEEVRALNEFAINGLYPDLTIYLNVSAEVGRE
RIIKNSRDQNRLDQEDLKFHEKVIEGYQEIIHNESQRFKSVNADQPLENVVEDTYQTIIKYLEKI
;
_entity_poly.pdbx_strand_id   A,B
#
loop_
_chem_comp.id
_chem_comp.type
_chem_comp.name
_chem_comp.formula
TMP non-polymer THYMIDINE-5'-PHOSPHATE 'C10 H15 N2 O8 P'
#
# COMPACT_ATOMS: atom_id res chain seq x y z
N SER A 22 0.39 27.28 -11.81
CA SER A 22 -0.24 26.33 -10.84
C SER A 22 0.71 26.11 -9.67
N ALA A 23 0.15 25.81 -8.49
CA ALA A 23 0.98 25.56 -7.30
C ALA A 23 0.40 24.50 -6.37
N PHE A 24 1.20 23.50 -6.07
CA PHE A 24 0.82 22.42 -5.18
C PHE A 24 1.38 22.75 -3.81
N ILE A 25 0.52 23.26 -2.93
CA ILE A 25 0.90 23.66 -1.58
C ILE A 25 0.30 22.76 -0.50
N THR A 26 1.15 22.12 0.30
CA THR A 26 0.66 21.25 1.36
C THR A 26 0.84 21.88 2.74
N PHE A 27 0.04 21.41 3.70
CA PHE A 27 0.08 21.87 5.07
C PHE A 27 0.34 20.65 5.94
N GLU A 28 1.33 20.77 6.81
CA GLU A 28 1.69 19.70 7.71
C GLU A 28 1.77 20.28 9.12
N GLY A 29 1.68 19.40 10.10
CA GLY A 29 1.74 19.82 11.48
C GLY A 29 1.25 18.71 12.38
N PRO A 30 1.69 18.70 13.65
CA PRO A 30 1.26 17.67 14.60
C PRO A 30 -0.18 17.95 15.04
N GLU A 31 -0.61 17.24 16.06
CA GLU A 31 -1.95 17.43 16.59
C GLU A 31 -1.95 18.73 17.39
N GLY A 32 -3.09 19.43 17.40
CA GLY A 32 -3.19 20.67 18.14
C GLY A 32 -2.42 21.84 17.55
N SER A 33 -2.12 21.77 16.26
CA SER A 33 -1.39 22.85 15.60
C SER A 33 -2.40 23.84 15.00
N GLY A 34 -3.69 23.49 15.06
CA GLY A 34 -4.73 24.35 14.52
C GLY A 34 -4.73 24.33 12.99
N LYS A 35 -4.06 23.33 12.42
CA LYS A 35 -3.96 23.19 10.97
C LYS A 35 -5.26 23.30 10.19
N THR A 36 -6.26 22.52 10.58
CA THR A 36 -7.52 22.56 9.85
C THR A 36 -8.19 23.93 9.80
N THR A 37 -8.25 24.62 10.94
CA THR A 37 -8.87 25.94 10.93
C THR A 37 -8.01 26.92 10.14
N VAL A 38 -6.68 26.78 10.24
CA VAL A 38 -5.78 27.66 9.50
C VAL A 38 -5.99 27.54 7.99
N ILE A 39 -5.84 26.34 7.46
CA ILE A 39 -6.00 26.13 6.03
C ILE A 39 -7.34 26.65 5.57
N ASN A 40 -8.38 26.48 6.40
CA ASN A 40 -9.71 26.94 6.03
C ASN A 40 -9.81 28.46 5.87
N GLU A 41 -9.26 29.21 6.83
CA GLU A 41 -9.30 30.66 6.76
C GLU A 41 -8.36 31.19 5.67
N VAL A 42 -7.20 30.58 5.53
CA VAL A 42 -6.24 31.00 4.52
C VAL A 42 -6.91 30.86 3.16
N TYR A 43 -7.51 29.70 2.93
CA TYR A 43 -8.21 29.44 1.68
C TYR A 43 -9.26 30.50 1.40
N HIS A 44 -10.04 30.88 2.42
CA HIS A 44 -11.07 31.87 2.17
C HIS A 44 -10.52 33.22 1.73
N ARG A 45 -9.30 33.52 2.14
CA ARG A 45 -8.65 34.77 1.77
C ARG A 45 -8.19 34.74 0.33
N LEU A 46 -7.65 33.58 -0.07
CA LEU A 46 -7.12 33.40 -1.42
C LEU A 46 -8.17 33.18 -2.49
N VAL A 47 -9.23 32.45 -2.16
CA VAL A 47 -10.29 32.13 -3.10
C VAL A 47 -10.71 33.33 -3.96
N LYS A 48 -10.54 34.53 -3.42
CA LYS A 48 -10.91 35.75 -4.14
C LYS A 48 -9.93 36.13 -5.26
N ASP A 49 -8.65 36.24 -4.92
CA ASP A 49 -7.64 36.62 -5.89
C ASP A 49 -7.04 35.50 -6.72
N TYR A 50 -7.24 34.24 -6.31
CA TYR A 50 -6.69 33.13 -7.07
C TYR A 50 -7.69 32.01 -7.30
N ASP A 51 -7.40 31.17 -8.28
CA ASP A 51 -8.25 30.02 -8.60
C ASP A 51 -7.70 28.91 -7.70
N VAL A 52 -8.10 28.94 -6.43
CA VAL A 52 -7.60 27.98 -5.47
C VAL A 52 -8.61 26.97 -4.96
N ILE A 53 -8.18 25.72 -4.83
CA ILE A 53 -9.02 24.66 -4.30
C ILE A 53 -8.45 24.17 -2.98
N MET A 54 -9.33 23.88 -2.04
CA MET A 54 -8.94 23.40 -0.73
C MET A 54 -9.25 21.91 -0.74
N THR A 55 -8.26 21.09 -0.42
CA THR A 55 -8.45 19.63 -0.43
C THR A 55 -7.70 18.91 0.71
N ARG A 56 -8.07 17.66 0.92
CA ARG A 56 -7.49 16.80 1.96
C ARG A 56 -7.67 15.38 1.47
N GLU A 57 -6.77 14.47 1.84
CA GLU A 57 -6.91 13.07 1.41
C GLU A 57 -7.94 12.34 2.29
N PRO A 58 -8.79 11.49 1.68
CA PRO A 58 -8.86 11.16 0.25
C PRO A 58 -9.61 12.19 -0.61
N GLY A 59 -10.10 13.25 0.03
CA GLY A 59 -10.79 14.32 -0.66
C GLY A 59 -11.97 13.98 -1.56
N GLY A 60 -12.82 13.07 -1.11
CA GLY A 60 -13.98 12.71 -1.89
C GLY A 60 -13.72 11.72 -3.02
N VAL A 61 -12.47 11.32 -3.21
CA VAL A 61 -12.20 10.35 -4.27
C VAL A 61 -12.76 9.01 -3.81
N PRO A 62 -13.70 8.45 -4.59
CA PRO A 62 -14.36 7.18 -4.29
C PRO A 62 -13.44 6.09 -3.75
N THR A 63 -12.52 5.61 -4.59
CA THR A 63 -11.61 4.57 -4.17
C THR A 63 -10.79 5.02 -2.98
N GLY A 64 -10.34 6.28 -3.00
CA GLY A 64 -9.56 6.80 -1.91
C GLY A 64 -10.30 6.71 -0.59
N GLU A 65 -11.59 7.07 -0.63
CA GLU A 65 -12.44 7.06 0.56
C GLU A 65 -12.58 5.67 1.16
N GLU A 66 -12.81 4.68 0.31
CA GLU A 66 -12.94 3.30 0.76
C GLU A 66 -11.66 2.86 1.46
N ILE A 67 -10.52 3.18 0.84
CA ILE A 67 -9.20 2.83 1.38
C ILE A 67 -9.00 3.46 2.75
N ARG A 68 -9.36 4.74 2.86
CA ARG A 68 -9.21 5.46 4.11
C ARG A 68 -10.12 4.90 5.20
N LYS A 69 -11.34 4.50 4.83
CA LYS A 69 -12.25 3.94 5.84
C LYS A 69 -11.66 2.74 6.55
N ILE A 70 -10.90 1.92 5.83
CA ILE A 70 -10.28 0.75 6.45
C ILE A 70 -9.28 1.16 7.53
N VAL A 71 -8.76 2.39 7.41
CA VAL A 71 -7.73 2.91 8.34
C VAL A 71 -8.20 3.57 9.64
N LEU A 72 -9.11 4.52 9.55
CA LEU A 72 -9.58 5.19 10.75
C LEU A 72 -10.35 4.23 11.65
N GLU A 73 -11.07 3.28 11.05
CA GLU A 73 -11.81 2.28 11.81
C GLU A 73 -10.75 1.23 12.07
N GLY A 74 -9.52 1.74 12.11
CA GLY A 74 -8.34 0.93 12.31
C GLY A 74 -8.16 0.26 13.64
N ASN A 75 -8.28 -1.04 13.68
CA ASN A 75 -8.07 -1.69 14.96
C ASN A 75 -6.78 -2.53 14.88
N ASP A 76 -5.66 -1.91 15.27
CA ASP A 76 -4.35 -2.56 15.34
C ASP A 76 -4.04 -3.40 14.10
N MET A 77 -3.89 -2.68 13.01
CA MET A 77 -3.58 -3.26 11.74
C MET A 77 -2.08 -3.00 11.67
N ASP A 78 -1.35 -3.92 11.05
CA ASP A 78 0.08 -3.76 10.93
C ASP A 78 0.38 -2.30 10.53
N ILE A 79 1.44 -1.71 11.11
CA ILE A 79 1.77 -0.32 10.79
C ILE A 79 2.19 -0.24 9.32
N ARG A 80 2.73 -1.34 8.82
CA ARG A 80 3.15 -1.39 7.42
C ARG A 80 1.93 -1.37 6.54
N THR A 81 0.88 -2.07 6.96
CA THR A 81 -0.35 -2.10 6.19
C THR A 81 -0.90 -0.69 6.19
N GLU A 82 -0.94 -0.10 7.37
CA GLU A 82 -1.42 1.27 7.57
C GLU A 82 -0.70 2.21 6.61
N ALA A 83 0.63 2.13 6.62
CA ALA A 83 1.48 2.96 5.77
C ALA A 83 1.12 2.81 4.32
N MET A 84 0.92 1.57 3.88
CA MET A 84 0.56 1.30 2.51
C MET A 84 -0.81 1.83 2.15
N LEU A 85 -1.77 1.73 3.07
CA LEU A 85 -3.11 2.22 2.79
C LEU A 85 -3.09 3.73 2.64
N PHE A 86 -2.29 4.41 3.47
CA PHE A 86 -2.18 5.86 3.37
C PHE A 86 -1.56 6.19 2.01
N ALA A 87 -0.56 5.39 1.60
CA ALA A 87 0.10 5.60 0.31
C ALA A 87 -0.87 5.38 -0.85
N ALA A 88 -1.68 4.32 -0.76
CA ALA A 88 -2.65 3.98 -1.80
C ALA A 88 -3.72 5.07 -1.95
N SER A 89 -4.18 5.59 -0.82
CA SER A 89 -5.19 6.65 -0.79
C SER A 89 -4.55 7.93 -1.37
N ARG A 90 -3.31 8.16 -1.01
CA ARG A 90 -2.56 9.31 -1.49
C ARG A 90 -2.52 9.28 -3.02
N ARG A 91 -2.22 8.11 -3.58
CA ARG A 91 -2.13 7.91 -5.03
C ARG A 91 -3.43 8.29 -5.75
N GLU A 92 -4.53 7.69 -5.31
CA GLU A 92 -5.84 7.95 -5.89
C GLU A 92 -6.13 9.45 -5.90
N HIS A 93 -6.02 10.06 -4.73
CA HIS A 93 -6.26 11.48 -4.56
C HIS A 93 -5.38 12.33 -5.47
N LEU A 94 -4.11 11.98 -5.53
CA LEU A 94 -3.15 12.72 -6.34
C LEU A 94 -3.53 12.67 -7.82
N VAL A 95 -3.78 11.45 -8.31
CA VAL A 95 -4.12 11.22 -9.70
C VAL A 95 -5.50 11.68 -10.10
N LEU A 96 -6.50 11.37 -9.29
CA LEU A 96 -7.88 11.74 -9.60
C LEU A 96 -8.29 13.15 -9.21
N LYS A 97 -7.50 13.83 -8.38
CA LYS A 97 -7.90 15.17 -7.97
C LYS A 97 -6.81 16.25 -8.00
N VAL A 98 -5.63 15.96 -7.44
CA VAL A 98 -4.57 16.96 -7.42
C VAL A 98 -3.98 17.25 -8.80
N ILE A 99 -3.50 16.21 -9.48
CA ILE A 99 -2.90 16.38 -10.80
C ILE A 99 -3.86 17.09 -11.75
N PRO A 100 -5.11 16.61 -11.85
CA PRO A 100 -6.04 17.29 -12.77
C PRO A 100 -6.14 18.78 -12.49
N ALA A 101 -6.26 19.13 -11.20
CA ALA A 101 -6.36 20.53 -10.79
C ALA A 101 -5.13 21.33 -11.20
N LEU A 102 -3.96 20.72 -11.05
CA LEU A 102 -2.71 21.39 -11.38
C LEU A 102 -2.59 21.62 -12.88
N LYS A 103 -3.13 20.69 -13.67
CA LYS A 103 -3.09 20.80 -15.12
C LYS A 103 -4.00 21.94 -15.58
N GLU A 104 -4.96 22.31 -14.75
CA GLU A 104 -5.87 23.39 -15.08
C GLU A 104 -5.39 24.72 -14.51
N GLY A 105 -4.14 24.74 -14.04
CA GLY A 105 -3.55 25.95 -13.49
C GLY A 105 -4.08 26.47 -12.16
N LYS A 106 -4.57 25.56 -11.32
CA LYS A 106 -5.11 25.97 -10.03
C LYS A 106 -4.08 25.91 -8.92
N VAL A 107 -4.38 26.60 -7.82
CA VAL A 107 -3.53 26.56 -6.66
C VAL A 107 -4.20 25.53 -5.76
N VAL A 108 -3.49 24.46 -5.48
CA VAL A 108 -4.01 23.38 -4.65
C VAL A 108 -3.49 23.44 -3.21
N LEU A 109 -4.41 23.69 -2.28
CA LEU A 109 -4.10 23.74 -0.85
C LEU A 109 -4.45 22.33 -0.35
N CYS A 110 -3.45 21.58 0.10
CA CYS A 110 -3.66 20.20 0.53
C CYS A 110 -3.36 19.94 2.01
N ASP A 111 -4.39 19.57 2.77
CA ASP A 111 -4.25 19.27 4.19
C ASP A 111 -3.56 17.90 4.34
N ARG A 112 -2.25 17.90 4.62
CA ARG A 112 -1.45 16.67 4.79
C ARG A 112 -1.09 15.93 3.50
N TYR A 113 0.16 15.48 3.42
CA TYR A 113 0.66 14.78 2.24
C TYR A 113 1.75 13.79 2.64
N ILE A 114 2.72 13.60 1.76
CA ILE A 114 3.80 12.64 2.01
C ILE A 114 4.45 12.80 3.39
N ASP A 115 4.75 14.04 3.75
CA ASP A 115 5.39 14.32 5.02
C ASP A 115 4.66 13.75 6.23
N SER A 116 3.33 13.77 6.19
CA SER A 116 2.54 13.21 7.29
C SER A 116 2.94 11.75 7.45
N SER A 117 3.02 11.03 6.34
CA SER A 117 3.40 9.61 6.41
C SER A 117 4.80 9.46 6.97
N LEU A 118 5.73 10.28 6.48
CA LEU A 118 7.12 10.23 6.97
C LEU A 118 7.17 10.45 8.49
N ALA A 119 6.45 11.45 8.98
CA ALA A 119 6.45 11.75 10.40
C ALA A 119 5.71 10.73 11.26
N TYR A 120 4.50 10.38 10.85
CA TYR A 120 3.70 9.42 11.60
C TYR A 120 4.08 7.95 11.45
N GLN A 121 4.01 7.43 10.23
CA GLN A 121 4.34 6.03 9.98
C GLN A 121 5.84 5.77 10.04
N GLY A 122 6.61 6.68 9.44
CA GLY A 122 8.05 6.54 9.43
C GLY A 122 8.70 6.74 10.79
N TYR A 123 8.70 7.98 11.28
CA TYR A 123 9.31 8.29 12.57
C TYR A 123 8.56 7.81 13.81
N ALA A 124 7.37 8.37 14.05
CA ALA A 124 6.58 8.01 15.22
C ALA A 124 6.28 6.52 15.38
N ARG A 125 5.84 5.87 14.32
CA ARG A 125 5.51 4.45 14.38
C ARG A 125 6.78 3.58 14.38
N GLY A 126 7.88 4.14 13.88
CA GLY A 126 9.14 3.40 13.87
C GLY A 126 9.47 2.53 12.68
N ILE A 127 8.72 2.64 11.59
CA ILE A 127 8.98 1.85 10.39
C ILE A 127 10.32 2.26 9.78
N GLY A 128 10.61 3.55 9.87
CA GLY A 128 11.83 4.07 9.30
C GLY A 128 11.47 5.09 8.22
N VAL A 129 11.79 6.35 8.46
CA VAL A 129 11.50 7.42 7.53
C VAL A 129 11.82 7.14 6.06
N GLU A 130 13.03 6.69 5.77
CA GLU A 130 13.40 6.42 4.39
C GLU A 130 12.66 5.25 3.77
N GLU A 131 12.32 4.25 4.58
CA GLU A 131 11.60 3.09 4.07
C GLU A 131 10.18 3.51 3.67
N VAL A 132 9.59 4.40 4.46
CA VAL A 132 8.26 4.89 4.19
C VAL A 132 8.30 5.91 3.05
N ARG A 133 9.42 6.63 2.94
CA ARG A 133 9.56 7.61 1.87
C ARG A 133 9.64 6.88 0.53
N ALA A 134 10.26 5.70 0.54
CA ALA A 134 10.41 4.89 -0.68
C ALA A 134 9.06 4.35 -1.13
N LEU A 135 8.25 3.92 -0.16
CA LEU A 135 6.91 3.42 -0.43
C LEU A 135 6.09 4.51 -1.11
N ASN A 136 6.13 5.71 -0.54
CA ASN A 136 5.38 6.84 -1.08
C ASN A 136 5.88 7.38 -2.39
N GLU A 137 7.15 7.13 -2.71
CA GLU A 137 7.76 7.57 -3.97
C GLU A 137 7.08 6.80 -5.08
N PHE A 138 6.75 5.56 -4.78
CA PHE A 138 6.05 4.67 -5.72
C PHE A 138 4.62 5.22 -5.91
N ALA A 139 4.08 5.82 -4.86
CA ALA A 139 2.72 6.36 -4.90
C ALA A 139 2.64 7.71 -5.60
N ILE A 140 3.50 8.64 -5.21
CA ILE A 140 3.50 9.98 -5.76
C ILE A 140 4.31 10.15 -7.05
N ASN A 141 5.08 9.13 -7.41
CA ASN A 141 5.91 9.20 -8.61
C ASN A 141 6.79 10.44 -8.64
N GLY A 142 7.37 10.83 -7.51
CA GLY A 142 8.22 12.00 -7.50
C GLY A 142 7.51 13.35 -7.48
N LEU A 143 6.18 13.34 -7.47
CA LEU A 143 5.44 14.59 -7.44
C LEU A 143 5.35 15.21 -6.05
N TYR A 144 6.39 15.92 -5.65
CA TYR A 144 6.43 16.59 -4.35
C TYR A 144 5.79 17.97 -4.44
N PRO A 145 5.33 18.51 -3.30
CA PRO A 145 4.70 19.83 -3.21
C PRO A 145 5.62 20.97 -3.64
N ASP A 146 5.07 22.00 -4.28
CA ASP A 146 5.89 23.14 -4.68
C ASP A 146 6.26 23.87 -3.39
N LEU A 147 5.32 23.90 -2.46
CA LEU A 147 5.53 24.56 -1.18
C LEU A 147 4.85 23.76 -0.06
N THR A 148 5.48 23.68 1.10
CA THR A 148 4.87 22.96 2.21
C THR A 148 4.94 23.82 3.47
N ILE A 149 3.77 24.23 3.96
CA ILE A 149 3.69 25.03 5.16
C ILE A 149 3.69 24.12 6.38
N TYR A 150 4.61 24.35 7.31
CA TYR A 150 4.65 23.54 8.51
C TYR A 150 4.23 24.38 9.70
N LEU A 151 3.13 23.98 10.33
CA LEU A 151 2.61 24.69 11.49
C LEU A 151 3.33 24.14 12.71
N ASN A 152 4.42 24.83 13.06
CA ASN A 152 5.26 24.44 14.19
C ASN A 152 4.73 24.84 15.55
N VAL A 153 4.02 23.90 16.18
CA VAL A 153 3.48 24.12 17.51
C VAL A 153 4.27 23.19 18.45
N SER A 154 4.44 23.63 19.68
CA SER A 154 5.17 22.81 20.66
C SER A 154 4.23 21.75 21.19
N ALA A 155 4.80 20.66 21.69
CA ALA A 155 3.98 19.58 22.23
C ALA A 155 3.00 20.09 23.29
N GLU A 156 3.50 20.93 24.19
CA GLU A 156 2.70 21.50 25.28
C GLU A 156 1.54 22.35 24.80
N VAL A 157 1.79 23.23 23.83
CA VAL A 157 0.71 24.05 23.29
C VAL A 157 -0.28 23.13 22.58
N GLY A 158 0.27 22.17 21.82
CA GLY A 158 -0.57 21.21 21.12
C GLY A 158 -1.50 20.51 22.09
N ARG A 159 -0.92 19.99 23.17
CA ARG A 159 -1.69 19.28 24.20
C ARG A 159 -2.84 20.14 24.74
N GLU A 160 -2.59 21.42 25.00
CA GLU A 160 -3.63 22.31 25.51
C GLU A 160 -4.77 22.51 24.52
N ARG A 161 -4.44 22.64 23.23
CA ARG A 161 -5.47 22.81 22.20
C ARG A 161 -6.29 21.53 22.10
N ILE A 162 -5.64 20.39 22.24
CA ILE A 162 -6.29 19.09 22.15
C ILE A 162 -7.29 18.83 23.29
N ILE A 163 -6.92 19.23 24.51
CA ILE A 163 -7.81 19.04 25.64
C ILE A 163 -9.03 19.97 25.61
N LYS A 164 -8.85 21.19 25.11
CA LYS A 164 -9.97 22.12 25.04
C LYS A 164 -11.02 21.66 24.03
N ASN A 165 -10.71 20.61 23.26
CA ASN A 165 -11.64 20.08 22.27
C ASN A 165 -12.30 18.78 22.69
N SER A 166 -12.11 18.39 23.95
CA SER A 166 -12.70 17.17 24.47
C SER A 166 -12.96 17.33 25.98
N ARG A 167 -12.21 18.26 26.57
CA ARG A 167 -12.21 18.62 28.00
C ARG A 167 -12.48 17.49 28.98
N ASP A 168 -11.90 16.33 28.71
CA ASP A 168 -12.05 15.13 29.55
C ASP A 168 -10.97 14.16 29.12
N GLN A 169 -9.73 14.56 29.37
CA GLN A 169 -8.52 13.81 29.04
C GLN A 169 -8.50 12.33 29.34
N ASN A 170 -8.76 11.53 28.30
CA ASN A 170 -8.73 10.09 28.40
C ASN A 170 -7.98 9.66 27.15
N ARG A 171 -8.31 10.29 26.04
CA ARG A 171 -7.67 10.01 24.77
C ARG A 171 -6.26 10.59 24.84
N LEU A 172 -5.91 11.15 26.00
CA LEU A 172 -4.60 11.73 26.24
C LEU A 172 -3.95 11.16 27.51
N ASP A 173 -3.09 10.16 27.32
CA ASP A 173 -2.38 9.54 28.41
C ASP A 173 -0.88 9.60 28.16
N GLN A 174 -0.12 8.85 28.96
CA GLN A 174 1.33 8.82 28.84
C GLN A 174 1.79 8.61 27.41
N GLU A 175 1.46 7.45 26.85
CA GLU A 175 1.84 7.12 25.49
C GLU A 175 1.31 8.13 24.49
N ASP A 176 0.00 8.35 24.50
CA ASP A 176 -0.62 9.31 23.59
C ASP A 176 0.19 10.59 23.52
N LEU A 177 0.51 11.13 24.69
CA LEU A 177 1.27 12.36 24.80
C LEU A 177 2.71 12.23 24.32
N LYS A 178 3.31 11.07 24.58
CA LYS A 178 4.70 10.81 24.18
C LYS A 178 4.78 10.53 22.68
N PHE A 179 3.67 10.05 22.12
CA PHE A 179 3.58 9.75 20.70
C PHE A 179 3.54 11.08 19.97
N HIS A 180 2.76 12.01 20.52
CA HIS A 180 2.61 13.33 19.95
C HIS A 180 3.96 14.04 19.96
N GLU A 181 4.81 13.67 20.91
CA GLU A 181 6.14 14.28 20.97
C GLU A 181 7.05 13.69 19.89
N LYS A 182 6.97 12.37 19.71
CA LYS A 182 7.77 11.68 18.71
C LYS A 182 7.42 12.23 17.31
N VAL A 183 6.14 12.47 17.07
CA VAL A 183 5.71 13.03 15.79
C VAL A 183 6.44 14.35 15.51
N ILE A 184 6.42 15.25 16.50
CA ILE A 184 7.08 16.55 16.39
C ILE A 184 8.57 16.35 16.12
N GLU A 185 9.16 15.40 16.85
CA GLU A 185 10.55 15.07 16.68
C GLU A 185 10.75 14.65 15.23
N GLY A 186 9.87 13.76 14.76
CA GLY A 186 9.92 13.29 13.39
C GLY A 186 9.88 14.45 12.41
N TYR A 187 8.94 15.37 12.62
CA TYR A 187 8.84 16.52 11.73
C TYR A 187 10.13 17.31 11.75
N GLN A 188 10.67 17.54 12.93
CA GLN A 188 11.92 18.29 13.07
C GLN A 188 13.01 17.68 12.21
N GLU A 189 13.06 16.35 12.16
CA GLU A 189 14.04 15.62 11.35
C GLU A 189 13.85 15.83 9.83
N ILE A 190 12.61 15.68 9.38
CA ILE A 190 12.27 15.84 7.95
C ILE A 190 12.51 17.27 7.47
N ILE A 191 12.10 18.21 8.32
CA ILE A 191 12.22 19.65 8.04
C ILE A 191 13.68 20.05 8.02
N HIS A 192 14.49 19.35 8.80
CA HIS A 192 15.92 19.59 8.88
C HIS A 192 16.59 19.32 7.52
N ASN A 193 16.44 18.09 7.05
CA ASN A 193 17.05 17.69 5.79
C ASN A 193 16.58 18.52 4.60
N GLU A 194 15.27 18.64 4.46
CA GLU A 194 14.71 19.44 3.37
C GLU A 194 14.06 20.65 4.01
N SER A 195 14.43 21.82 3.52
CA SER A 195 13.88 23.10 3.98
C SER A 195 13.78 23.90 2.70
N GLN A 196 13.88 23.16 1.60
CA GLN A 196 13.80 23.70 0.25
C GLN A 196 12.36 23.97 -0.13
N ARG A 197 11.48 23.04 0.20
CA ARG A 197 10.06 23.22 -0.08
C ARG A 197 9.35 23.61 1.21
N PHE A 198 10.04 23.46 2.33
CA PHE A 198 9.46 23.79 3.64
C PHE A 198 9.60 25.25 4.05
N LYS A 199 8.48 25.79 4.54
CA LYS A 199 8.41 27.17 5.02
C LYS A 199 7.68 27.00 6.34
N SER A 200 8.37 27.27 7.45
CA SER A 200 7.75 27.09 8.76
C SER A 200 6.97 28.29 9.31
N VAL A 201 6.04 28.01 10.20
CA VAL A 201 5.21 29.03 10.81
C VAL A 201 5.07 28.69 12.29
N ASN A 202 5.05 29.71 13.13
CA ASN A 202 4.93 29.53 14.57
C ASN A 202 3.49 29.27 14.98
N ALA A 203 3.13 28.01 15.20
CA ALA A 203 1.77 27.66 15.59
C ALA A 203 1.53 27.80 17.09
N ASP A 204 2.54 28.30 17.81
CA ASP A 204 2.42 28.50 19.25
C ASP A 204 1.67 29.81 19.54
N GLN A 205 1.55 30.66 18.51
CA GLN A 205 0.85 31.94 18.64
C GLN A 205 -0.64 31.71 18.62
N PRO A 206 -1.44 32.75 18.88
CA PRO A 206 -2.89 32.58 18.85
C PRO A 206 -3.23 32.28 17.39
N LEU A 207 -4.29 31.52 17.16
CA LEU A 207 -4.64 31.15 15.80
C LEU A 207 -4.80 32.28 14.78
N GLU A 208 -5.26 33.45 15.22
CA GLU A 208 -5.42 34.58 14.30
C GLU A 208 -4.07 34.97 13.70
N ASN A 209 -3.01 34.87 14.50
CA ASN A 209 -1.68 35.22 14.06
C ASN A 209 -1.09 34.13 13.18
N VAL A 210 -1.37 32.88 13.54
CA VAL A 210 -0.87 31.75 12.75
C VAL A 210 -1.43 31.87 11.33
N VAL A 211 -2.70 32.26 11.22
CA VAL A 211 -3.33 32.40 9.91
C VAL A 211 -2.72 33.53 9.09
N GLU A 212 -2.54 34.69 9.71
CA GLU A 212 -1.94 35.82 9.02
C GLU A 212 -0.55 35.46 8.49
N ASP A 213 0.28 34.88 9.37
CA ASP A 213 1.63 34.50 8.97
C ASP A 213 1.60 33.50 7.83
N THR A 214 0.72 32.51 7.94
CA THR A 214 0.60 31.50 6.91
C THR A 214 0.18 32.15 5.61
N TYR A 215 -0.85 32.99 5.69
CA TYR A 215 -1.34 33.68 4.50
C TYR A 215 -0.21 34.44 3.81
N GLN A 216 0.51 35.26 4.57
CA GLN A 216 1.61 36.05 4.03
C GLN A 216 2.65 35.19 3.35
N THR A 217 3.03 34.10 4.01
CA THR A 217 4.02 33.17 3.46
C THR A 217 3.59 32.68 2.08
N ILE A 218 2.31 32.38 1.93
CA ILE A 218 1.79 31.85 0.67
C ILE A 218 1.66 32.93 -0.41
N ILE A 219 1.29 34.14 0.00
CA ILE A 219 1.16 35.25 -0.95
C ILE A 219 2.52 35.59 -1.52
N LYS A 220 3.54 35.58 -0.67
CA LYS A 220 4.91 35.87 -1.09
C LYS A 220 5.32 34.88 -2.16
N TYR A 221 5.09 33.60 -1.90
CA TYR A 221 5.44 32.56 -2.84
C TYR A 221 4.68 32.72 -4.17
N LEU A 222 3.45 33.20 -4.09
CA LEU A 222 2.61 33.39 -5.27
C LEU A 222 2.89 34.71 -6.01
N GLU A 223 3.89 35.45 -5.54
CA GLU A 223 4.23 36.72 -6.18
C GLU A 223 5.63 36.70 -6.80
N LYS A 224 6.60 36.44 -6.07
N MET B 21 10.78 -28.31 10.09
CA MET B 21 9.59 -27.80 10.83
C MET B 21 8.49 -27.37 9.85
N SER B 22 8.31 -26.05 9.73
CA SER B 22 7.30 -25.46 8.86
C SER B 22 7.83 -25.17 7.46
N ALA B 23 6.92 -25.13 6.49
CA ALA B 23 7.26 -24.85 5.10
C ALA B 23 6.23 -23.90 4.47
N PHE B 24 6.72 -22.80 3.91
CA PHE B 24 5.87 -21.82 3.25
C PHE B 24 5.99 -22.09 1.74
N ILE B 25 4.98 -22.77 1.20
CA ILE B 25 4.93 -23.15 -0.20
C ILE B 25 3.85 -22.39 -0.99
N THR B 26 4.25 -21.64 -2.02
CA THR B 26 3.29 -20.92 -2.83
C THR B 26 3.10 -21.56 -4.21
N PHE B 27 1.96 -21.26 -4.81
CA PHE B 27 1.61 -21.75 -6.13
C PHE B 27 1.37 -20.54 -7.00
N GLU B 28 2.01 -20.54 -8.16
CA GLU B 28 1.90 -19.46 -9.11
C GLU B 28 1.55 -20.06 -10.47
N GLY B 29 0.99 -19.23 -11.35
CA GLY B 29 0.63 -19.69 -12.66
C GLY B 29 -0.31 -18.71 -13.31
N PRO B 30 -0.35 -18.69 -14.66
CA PRO B 30 -1.22 -17.76 -15.39
C PRO B 30 -2.65 -18.28 -15.31
N GLU B 31 -3.51 -17.71 -16.12
CA GLU B 31 -4.90 -18.12 -16.16
C GLU B 31 -4.97 -19.44 -16.93
N GLY B 32 -5.90 -20.31 -16.55
CA GLY B 32 -6.07 -21.57 -17.24
C GLY B 32 -4.96 -22.59 -16.99
N SER B 33 -4.25 -22.42 -15.88
CA SER B 33 -3.17 -23.32 -15.53
C SER B 33 -3.73 -24.44 -14.65
N GLY B 34 -4.99 -24.32 -14.27
CA GLY B 34 -5.62 -25.31 -13.41
C GLY B 34 -5.11 -25.25 -11.98
N LYS B 35 -4.49 -24.12 -11.63
CA LYS B 35 -3.91 -23.91 -10.31
C LYS B 35 -4.83 -24.23 -9.14
N THR B 36 -6.00 -23.60 -9.13
CA THR B 36 -6.95 -23.80 -8.04
C THR B 36 -7.30 -25.27 -7.80
N THR B 37 -7.64 -26.00 -8.85
CA THR B 37 -7.98 -27.40 -8.67
C THR B 37 -6.76 -28.22 -8.23
N VAL B 38 -5.60 -27.86 -8.76
CA VAL B 38 -4.36 -28.55 -8.40
C VAL B 38 -4.07 -28.41 -6.91
N ILE B 39 -3.96 -27.17 -6.43
CA ILE B 39 -3.66 -26.95 -5.02
C ILE B 39 -4.66 -27.70 -4.14
N ASN B 40 -5.92 -27.69 -4.58
CA ASN B 40 -6.97 -28.35 -3.82
C ASN B 40 -6.73 -29.85 -3.64
N GLU B 41 -6.45 -30.54 -4.74
CA GLU B 41 -6.20 -31.98 -4.67
C GLU B 41 -4.88 -32.33 -3.99
N VAL B 42 -3.85 -31.53 -4.25
CA VAL B 42 -2.55 -31.75 -3.63
C VAL B 42 -2.74 -31.67 -2.12
N TYR B 43 -3.43 -30.62 -1.68
CA TYR B 43 -3.71 -30.39 -0.28
C TYR B 43 -4.40 -31.61 0.35
N HIS B 44 -5.39 -32.14 -0.35
CA HIS B 44 -6.11 -33.29 0.20
C HIS B 44 -5.24 -34.51 0.40
N ARG B 45 -4.19 -34.64 -0.42
CA ARG B 45 -3.29 -35.77 -0.28
C ARG B 45 -2.34 -35.58 0.90
N LEU B 46 -1.90 -34.34 1.09
CA LEU B 46 -0.97 -34.02 2.16
C LEU B 46 -1.61 -33.96 3.55
N VAL B 47 -2.83 -33.44 3.61
CA VAL B 47 -3.54 -33.28 4.88
C VAL B 47 -3.43 -34.50 5.80
N LYS B 48 -3.25 -35.67 5.19
CA LYS B 48 -3.11 -36.94 5.93
C LYS B 48 -1.81 -37.05 6.70
N ASP B 49 -0.72 -36.98 5.95
CA ASP B 49 0.61 -37.16 6.51
C ASP B 49 1.27 -35.92 7.09
N TYR B 50 0.72 -34.74 6.79
CA TYR B 50 1.30 -33.49 7.30
C TYR B 50 0.28 -32.56 7.92
N ASP B 51 0.76 -31.64 8.74
CA ASP B 51 -0.09 -30.64 9.37
C ASP B 51 -0.06 -29.48 8.37
N VAL B 52 -0.85 -29.61 7.32
CA VAL B 52 -0.89 -28.62 6.26
C VAL B 52 -2.18 -27.80 6.18
N ILE B 53 -2.03 -26.49 5.92
CA ILE B 53 -3.18 -25.63 5.74
C ILE B 53 -3.16 -25.08 4.31
N MET B 54 -4.34 -24.96 3.73
CA MET B 54 -4.49 -24.48 2.37
C MET B 54 -5.04 -23.06 2.49
N THR B 55 -4.35 -22.10 1.90
CA THR B 55 -4.82 -20.73 1.97
C THR B 55 -4.61 -19.93 0.68
N ARG B 56 -5.20 -18.75 0.63
CA ARG B 56 -5.14 -17.84 -0.50
C ARG B 56 -5.37 -16.44 0.06
N GLU B 57 -4.85 -15.42 -0.60
CA GLU B 57 -5.03 -14.03 -0.13
C GLU B 57 -6.41 -13.53 -0.57
N PRO B 58 -7.15 -12.83 0.33
CA PRO B 58 -6.80 -12.46 1.71
C PRO B 58 -7.02 -13.58 2.74
N GLY B 59 -7.54 -14.71 2.27
CA GLY B 59 -7.75 -15.86 3.14
C GLY B 59 -8.56 -15.67 4.40
N GLY B 60 -9.67 -14.94 4.29
CA GLY B 60 -10.52 -14.73 5.45
C GLY B 60 -10.05 -13.69 6.44
N VAL B 61 -8.89 -13.08 6.21
CA VAL B 61 -8.43 -12.04 7.12
C VAL B 61 -9.33 -10.82 6.90
N PRO B 62 -10.01 -10.36 7.97
CA PRO B 62 -10.93 -9.22 7.94
C PRO B 62 -10.44 -8.03 7.14
N THR B 63 -9.38 -7.40 7.64
CA THR B 63 -8.79 -6.25 6.98
C THR B 63 -8.40 -6.58 5.54
N GLY B 64 -7.78 -7.75 5.38
CA GLY B 64 -7.36 -8.18 4.06
C GLY B 64 -8.53 -8.27 3.09
N GLU B 65 -9.64 -8.83 3.55
CA GLU B 65 -10.84 -8.99 2.71
C GLU B 65 -11.40 -7.65 2.25
N GLU B 66 -11.42 -6.68 3.15
CA GLU B 66 -11.92 -5.34 2.86
C GLU B 66 -11.06 -4.71 1.76
N ILE B 67 -9.75 -4.83 1.93
CA ILE B 67 -8.78 -4.29 0.97
C ILE B 67 -8.99 -4.94 -0.39
N ARG B 68 -9.14 -6.26 -0.42
CA ARG B 68 -9.33 -6.99 -1.66
C ARG B 68 -10.64 -6.60 -2.36
N LYS B 69 -11.69 -6.39 -1.58
CA LYS B 69 -12.99 -6.00 -2.12
C LYS B 69 -12.88 -4.78 -3.03
N ILE B 70 -12.10 -3.80 -2.59
CA ILE B 70 -11.87 -2.57 -3.34
C ILE B 70 -11.27 -2.86 -4.71
N VAL B 71 -10.48 -3.92 -4.78
CA VAL B 71 -9.88 -4.29 -6.06
C VAL B 71 -11.00 -4.90 -6.91
N LEU B 72 -11.73 -5.83 -6.29
CA LEU B 72 -12.83 -6.53 -6.91
C LEU B 72 -13.85 -5.59 -7.56
N GLU B 73 -14.31 -4.59 -6.82
CA GLU B 73 -15.30 -3.63 -7.32
C GLU B 73 -14.75 -2.57 -8.28
N GLY B 74 -13.61 -2.00 -7.94
CA GLY B 74 -13.00 -0.95 -8.76
C GLY B 74 -12.86 -1.19 -10.25
N ASN B 75 -13.05 -0.12 -11.03
CA ASN B 75 -12.95 -0.18 -12.48
C ASN B 75 -11.91 0.82 -12.97
N ASP B 76 -11.06 0.39 -13.90
CA ASP B 76 -10.00 1.25 -14.44
C ASP B 76 -9.22 1.89 -13.31
N MET B 77 -9.09 1.14 -12.22
CA MET B 77 -8.34 1.62 -11.08
C MET B 77 -6.89 1.79 -11.50
N ASP B 78 -6.28 2.89 -11.03
CA ASP B 78 -4.88 3.16 -11.31
C ASP B 78 -4.11 1.91 -10.91
N ILE B 79 -3.28 1.41 -11.83
CA ILE B 79 -2.50 0.21 -11.56
C ILE B 79 -1.62 0.28 -10.33
N ARG B 80 -0.99 1.43 -10.08
CA ARG B 80 -0.15 1.55 -8.89
C ARG B 80 -0.98 1.41 -7.62
N THR B 81 -2.22 1.93 -7.64
CA THR B 81 -3.10 1.82 -6.50
C THR B 81 -3.38 0.34 -6.33
N GLU B 82 -3.73 -0.30 -7.45
CA GLU B 82 -4.02 -1.72 -7.48
C GLU B 82 -2.86 -2.52 -6.86
N ALA B 83 -1.64 -2.23 -7.32
CA ALA B 83 -0.44 -2.91 -6.85
C ALA B 83 -0.28 -2.74 -5.34
N MET B 84 -0.52 -1.53 -4.85
CA MET B 84 -0.40 -1.27 -3.43
C MET B 84 -1.46 -2.01 -2.63
N LEU B 85 -2.69 -2.10 -3.17
CA LEU B 85 -3.76 -2.80 -2.46
C LEU B 85 -3.44 -4.28 -2.37
N PHE B 86 -2.88 -4.86 -3.44
CA PHE B 86 -2.50 -6.26 -3.40
C PHE B 86 -1.41 -6.43 -2.35
N ALA B 87 -0.49 -5.48 -2.28
CA ALA B 87 0.59 -5.56 -1.31
C ALA B 87 0.06 -5.43 0.12
N ALA B 88 -0.89 -4.52 0.33
CA ALA B 88 -1.48 -4.30 1.65
C ALA B 88 -2.23 -5.54 2.13
N SER B 89 -3.00 -6.15 1.24
CA SER B 89 -3.74 -7.37 1.57
C SER B 89 -2.75 -8.49 1.84
N ARG B 90 -1.67 -8.54 1.06
CA ARG B 90 -0.64 -9.56 1.23
C ARG B 90 -0.06 -9.47 2.65
N ARG B 91 0.21 -8.25 3.11
CA ARG B 91 0.76 -8.02 4.44
C ARG B 91 -0.15 -8.56 5.54
N GLU B 92 -1.41 -8.14 5.53
CA GLU B 92 -2.36 -8.61 6.54
C GLU B 92 -2.38 -10.12 6.60
N HIS B 93 -2.60 -10.74 5.44
CA HIS B 93 -2.66 -12.18 5.32
C HIS B 93 -1.38 -12.84 5.84
N LEU B 94 -0.24 -12.28 5.45
CA LEU B 94 1.04 -12.82 5.88
C LEU B 94 1.19 -12.80 7.39
N VAL B 95 0.98 -11.61 7.98
CA VAL B 95 1.12 -11.45 9.41
C VAL B 95 0.01 -12.08 10.26
N LEU B 96 -1.24 -11.96 9.83
CA LEU B 96 -2.33 -12.51 10.62
C LEU B 96 -2.65 -13.98 10.36
N LYS B 97 -2.09 -14.56 9.31
CA LYS B 97 -2.42 -15.94 9.00
C LYS B 97 -1.23 -16.85 8.65
N VAL B 98 -0.37 -16.42 7.72
CA VAL B 98 0.75 -17.25 7.32
C VAL B 98 1.83 -17.38 8.41
N ILE B 99 2.36 -16.25 8.87
CA ILE B 99 3.40 -16.27 9.89
C ILE B 99 2.96 -17.07 11.12
N PRO B 100 1.75 -16.82 11.65
CA PRO B 100 1.30 -17.57 12.81
C PRO B 100 1.35 -19.09 12.56
N ALA B 101 0.83 -19.51 11.41
CA ALA B 101 0.83 -20.94 11.07
C ALA B 101 2.24 -21.50 10.95
N LEU B 102 3.17 -20.70 10.43
CA LEU B 102 4.54 -21.15 10.28
C LEU B 102 5.21 -21.30 11.65
N LYS B 103 4.85 -20.44 12.60
CA LYS B 103 5.42 -20.52 13.94
C LYS B 103 4.91 -21.75 14.66
N GLU B 104 3.78 -22.29 14.20
CA GLU B 104 3.20 -23.49 14.79
C GLU B 104 3.69 -24.74 14.07
N GLY B 105 4.70 -24.58 13.22
CA GLY B 105 5.24 -25.72 12.48
C GLY B 105 4.37 -26.35 11.41
N LYS B 106 3.48 -25.58 10.80
CA LYS B 106 2.62 -26.12 9.76
C LYS B 106 3.18 -25.91 8.35
N VAL B 107 2.65 -26.69 7.42
CA VAL B 107 3.03 -26.55 6.02
C VAL B 107 1.94 -25.65 5.45
N VAL B 108 2.35 -24.49 4.94
CA VAL B 108 1.38 -23.56 4.37
C VAL B 108 1.38 -23.59 2.85
N LEU B 109 0.24 -24.00 2.29
CA LEU B 109 0.04 -24.03 0.85
C LEU B 109 -0.65 -22.71 0.52
N CYS B 110 0.00 -21.84 -0.25
CA CYS B 110 -0.60 -20.54 -0.55
C CYS B 110 -0.84 -20.28 -2.03
N ASP B 111 -2.11 -20.11 -2.38
CA ASP B 111 -2.51 -19.83 -3.76
C ASP B 111 -2.15 -18.38 -4.10
N ARG B 112 -1.05 -18.18 -4.82
CA ARG B 112 -0.55 -16.85 -5.23
C ARG B 112 0.08 -16.01 -4.12
N TYR B 113 1.20 -15.37 -4.45
CA TYR B 113 1.94 -14.56 -3.49
C TYR B 113 2.67 -13.42 -4.21
N ILE B 114 3.85 -13.05 -3.72
CA ILE B 114 4.57 -11.93 -4.32
C ILE B 114 4.77 -12.03 -5.84
N ASP B 115 5.11 -13.22 -6.31
CA ASP B 115 5.34 -13.42 -7.73
C ASP B 115 4.13 -13.05 -8.59
N SER B 116 2.92 -13.29 -8.11
CA SER B 116 1.74 -12.92 -8.88
C SER B 116 1.80 -11.41 -9.12
N SER B 117 2.13 -10.64 -8.08
CA SER B 117 2.21 -9.20 -8.24
C SER B 117 3.30 -8.82 -9.25
N LEU B 118 4.47 -9.45 -9.15
CA LEU B 118 5.58 -9.19 -10.07
C LEU B 118 5.16 -9.43 -11.52
N ALA B 119 4.48 -10.56 -11.75
CA ALA B 119 4.04 -10.92 -13.07
C ALA B 119 2.89 -10.07 -13.61
N TYR B 120 1.85 -9.89 -12.81
CA TYR B 120 0.70 -9.12 -13.26
C TYR B 120 0.84 -7.61 -13.21
N GLN B 121 1.13 -7.06 -12.02
CA GLN B 121 1.27 -5.61 -11.86
C GLN B 121 2.62 -5.12 -12.41
N GLY B 122 3.68 -5.87 -12.15
CA GLY B 122 5.01 -5.50 -12.62
C GLY B 122 5.19 -5.63 -14.12
N TYR B 123 5.21 -6.87 -14.60
CA TYR B 123 5.40 -7.11 -16.03
C TYR B 123 4.19 -6.81 -16.93
N ALA B 124 3.12 -7.58 -16.77
CA ALA B 124 1.93 -7.40 -17.59
C ALA B 124 1.34 -6.00 -17.60
N ARG B 125 1.17 -5.37 -16.43
CA ARG B 125 0.62 -4.02 -16.39
C ARG B 125 1.66 -2.97 -16.79
N GLY B 126 2.93 -3.33 -16.71
CA GLY B 126 3.99 -2.41 -17.11
C GLY B 126 4.53 -1.42 -16.09
N ILE B 127 4.25 -1.64 -14.81
CA ILE B 127 4.77 -0.73 -13.79
C ILE B 127 6.28 -0.92 -13.65
N GLY B 128 6.74 -2.14 -13.86
CA GLY B 128 8.15 -2.45 -13.73
C GLY B 128 8.34 -3.47 -12.63
N VAL B 129 8.80 -4.65 -12.99
CA VAL B 129 8.99 -5.73 -12.02
C VAL B 129 9.74 -5.35 -10.75
N GLU B 130 10.87 -4.67 -10.90
CA GLU B 130 11.66 -4.30 -9.74
C GLU B 130 10.99 -3.27 -8.86
N GLU B 131 10.26 -2.35 -9.48
CA GLU B 131 9.56 -1.32 -8.72
C GLU B 131 8.44 -1.95 -7.87
N VAL B 132 7.77 -2.95 -8.43
CA VAL B 132 6.71 -3.67 -7.74
C VAL B 132 7.31 -4.63 -6.72
N ARG B 133 8.51 -5.13 -6.99
CA ARG B 133 9.16 -6.04 -6.06
C ARG B 133 9.56 -5.25 -4.83
N ALA B 134 9.95 -3.99 -5.01
CA ALA B 134 10.37 -3.15 -3.89
C ALA B 134 9.16 -2.84 -3.00
N LEU B 135 8.03 -2.56 -3.64
CA LEU B 135 6.78 -2.27 -2.93
C LEU B 135 6.44 -3.45 -2.02
N ASN B 136 6.46 -4.64 -2.59
CA ASN B 136 6.16 -5.86 -1.86
C ASN B 136 7.18 -6.27 -0.79
N GLU B 137 8.43 -5.82 -0.93
CA GLU B 137 9.48 -6.13 0.05
C GLU B 137 9.12 -5.41 1.35
N PHE B 138 8.51 -4.24 1.19
CA PHE B 138 8.04 -3.44 2.33
C PHE B 138 6.89 -4.21 3.00
N ALA B 139 6.11 -4.90 2.19
CA ALA B 139 4.96 -5.66 2.66
C ALA B 139 5.33 -6.99 3.30
N ILE B 140 6.15 -7.79 2.64
CA ILE B 140 6.51 -9.09 3.21
C ILE B 140 7.75 -9.10 4.07
N ASN B 141 8.42 -7.94 4.16
CA ASN B 141 9.64 -7.80 4.95
C ASN B 141 10.65 -8.91 4.70
N GLY B 142 10.88 -9.23 3.43
CA GLY B 142 11.84 -10.27 3.07
C GLY B 142 11.38 -11.72 3.29
N LEU B 143 10.14 -11.91 3.71
CA LEU B 143 9.63 -13.26 3.95
C LEU B 143 9.21 -13.94 2.65
N TYR B 144 10.17 -14.49 1.92
CA TYR B 144 9.89 -15.20 0.68
C TYR B 144 9.52 -16.65 0.95
N PRO B 145 8.82 -17.29 0.00
CA PRO B 145 8.40 -18.69 0.14
C PRO B 145 9.59 -19.66 0.19
N ASP B 146 9.44 -20.73 0.95
CA ASP B 146 10.48 -21.74 1.03
C ASP B 146 10.54 -22.44 -0.33
N LEU B 147 9.36 -22.68 -0.90
CA LEU B 147 9.25 -23.32 -2.19
C LEU B 147 8.11 -22.68 -2.97
N THR B 148 8.27 -22.54 -4.27
CA THR B 148 7.22 -21.96 -5.09
C THR B 148 6.98 -22.82 -6.32
N ILE B 149 5.80 -23.44 -6.39
CA ILE B 149 5.46 -24.29 -7.53
C ILE B 149 4.89 -23.43 -8.65
N TYR B 150 5.47 -23.53 -9.83
CA TYR B 150 4.96 -22.77 -10.96
C TYR B 150 4.30 -23.71 -11.95
N LEU B 151 3.01 -23.50 -12.16
CA LEU B 151 2.23 -24.30 -13.08
C LEU B 151 2.41 -23.71 -14.45
N ASN B 152 3.41 -24.25 -15.16
CA ASN B 152 3.76 -23.78 -16.49
C ASN B 152 2.87 -24.31 -17.61
N VAL B 153 1.84 -23.53 -17.94
CA VAL B 153 0.89 -23.85 -18.99
C VAL B 153 1.15 -22.86 -20.12
N SER B 154 0.97 -23.30 -21.35
CA SER B 154 1.18 -22.41 -22.50
C SER B 154 -0.06 -21.53 -22.65
N ALA B 155 0.11 -20.37 -23.29
CA ALA B 155 -1.01 -19.47 -23.50
C ALA B 155 -2.20 -20.18 -24.17
N GLU B 156 -1.91 -20.94 -25.22
CA GLU B 156 -2.94 -21.67 -25.98
C GLU B 156 -3.70 -22.69 -25.14
N VAL B 157 -2.99 -23.47 -24.35
CA VAL B 157 -3.65 -24.45 -23.49
C VAL B 157 -4.48 -23.68 -22.47
N GLY B 158 -3.88 -22.62 -21.93
CA GLY B 158 -4.58 -21.80 -20.96
C GLY B 158 -5.88 -21.28 -21.55
N ARG B 159 -5.79 -20.72 -22.74
CA ARG B 159 -6.96 -20.19 -23.43
C ARG B 159 -8.07 -21.22 -23.53
N GLU B 160 -7.71 -22.45 -23.89
CA GLU B 160 -8.70 -23.54 -24.04
C GLU B 160 -9.37 -23.95 -22.73
N ARG B 161 -8.58 -24.14 -21.67
CA ARG B 161 -9.16 -24.52 -20.38
C ARG B 161 -10.11 -23.44 -19.92
N ILE B 162 -9.72 -22.20 -20.18
CA ILE B 162 -10.50 -21.02 -19.80
C ILE B 162 -11.78 -20.91 -20.62
N ILE B 163 -11.68 -21.18 -21.91
CA ILE B 163 -12.85 -21.13 -22.78
C ILE B 163 -13.76 -22.26 -22.30
N LYS B 164 -13.15 -23.31 -21.79
CA LYS B 164 -13.88 -24.48 -21.29
C LYS B 164 -14.64 -24.22 -20.00
N ASN B 165 -14.29 -23.15 -19.27
CA ASN B 165 -14.98 -22.84 -18.03
C ASN B 165 -15.99 -21.71 -18.22
N SER B 166 -15.68 -20.81 -19.13
CA SER B 166 -16.54 -19.66 -19.41
C SER B 166 -17.10 -19.75 -20.84
N LEU B 172 -11.84 -13.81 -22.63
CA LEU B 172 -12.94 -13.82 -23.59
C LEU B 172 -12.55 -13.13 -24.90
N ASP B 173 -11.57 -12.23 -24.86
CA ASP B 173 -11.18 -11.50 -26.08
C ASP B 173 -9.72 -11.55 -26.53
N GLN B 174 -9.32 -10.55 -27.32
CA GLN B 174 -7.98 -10.48 -27.89
C GLN B 174 -6.89 -9.82 -27.06
N GLU B 175 -6.96 -8.51 -26.84
CA GLU B 175 -5.94 -7.84 -26.05
C GLU B 175 -5.91 -8.45 -24.66
N ASP B 176 -6.98 -9.19 -24.34
CA ASP B 176 -7.10 -9.88 -23.06
C ASP B 176 -6.30 -11.17 -23.21
N LEU B 177 -6.30 -11.68 -24.44
CA LEU B 177 -5.57 -12.90 -24.77
C LEU B 177 -4.09 -12.54 -24.88
N LYS B 178 -3.82 -11.29 -25.27
CA LYS B 178 -2.45 -10.82 -25.39
C LYS B 178 -1.91 -10.44 -24.01
N PHE B 179 -2.81 -10.11 -23.10
CA PHE B 179 -2.41 -9.77 -21.73
C PHE B 179 -2.01 -11.07 -21.06
N HIS B 180 -2.79 -12.12 -21.34
CA HIS B 180 -2.56 -13.45 -20.81
C HIS B 180 -1.17 -13.93 -21.26
N GLU B 181 -0.74 -13.47 -22.43
CA GLU B 181 0.57 -13.86 -22.93
C GLU B 181 1.66 -13.08 -22.22
N LYS B 182 1.44 -11.79 -22.02
CA LYS B 182 2.41 -10.94 -21.32
C LYS B 182 2.66 -11.49 -19.91
N VAL B 183 1.60 -11.92 -19.24
CA VAL B 183 1.72 -12.49 -17.90
C VAL B 183 2.72 -13.64 -17.94
N ILE B 184 2.50 -14.60 -18.87
CA ILE B 184 3.37 -15.76 -19.03
C ILE B 184 4.80 -15.31 -19.29
N GLU B 185 4.95 -14.32 -20.15
CA GLU B 185 6.26 -13.76 -20.45
C GLU B 185 6.87 -13.27 -19.14
N GLY B 186 6.05 -12.53 -18.38
CA GLY B 186 6.49 -12.01 -17.11
C GLY B 186 6.97 -13.11 -16.18
N TYR B 187 6.18 -14.17 -16.07
CA TYR B 187 6.58 -15.29 -15.24
C TYR B 187 7.91 -15.86 -15.73
N GLN B 188 8.05 -16.03 -17.05
CA GLN B 188 9.27 -16.57 -17.63
C GLN B 188 10.49 -15.77 -17.16
N GLU B 189 10.32 -14.45 -17.09
CA GLU B 189 11.37 -13.54 -16.66
C GLU B 189 11.76 -13.73 -15.18
N ILE B 190 10.75 -13.77 -14.31
CA ILE B 190 10.97 -13.93 -12.88
C ILE B 190 11.58 -15.27 -12.51
N ILE B 191 11.15 -16.31 -13.19
CA ILE B 191 11.63 -17.66 -12.91
C ILE B 191 13.14 -17.95 -13.02
N HIS B 192 13.75 -17.74 -14.17
CA HIS B 192 15.17 -18.02 -14.29
C HIS B 192 16.07 -16.91 -13.83
N ASN B 193 15.67 -16.31 -12.72
CA ASN B 193 16.40 -15.23 -12.06
C ASN B 193 16.47 -15.62 -10.58
N GLU B 194 15.73 -16.70 -10.26
CA GLU B 194 15.60 -17.23 -8.91
C GLU B 194 15.23 -18.69 -8.84
N SER B 195 15.86 -19.54 -9.62
CA SER B 195 15.45 -20.92 -9.51
C SER B 195 16.08 -21.55 -8.28
N GLN B 196 15.69 -21.04 -7.13
CA GLN B 196 16.17 -21.53 -5.86
C GLN B 196 14.90 -21.91 -5.14
N ARG B 197 13.92 -21.04 -5.25
CA ARG B 197 12.60 -21.24 -4.63
C ARG B 197 11.74 -21.99 -5.63
N PHE B 198 11.87 -21.57 -6.89
CA PHE B 198 11.11 -22.12 -8.01
C PHE B 198 11.34 -23.55 -8.42
N LYS B 199 10.24 -24.26 -8.61
CA LYS B 199 10.22 -25.65 -9.04
C LYS B 199 9.06 -25.64 -10.03
N SER B 200 9.35 -25.83 -11.32
CA SER B 200 8.30 -25.79 -12.33
C SER B 200 7.61 -27.13 -12.60
N VAL B 201 6.38 -27.04 -13.11
CA VAL B 201 5.60 -28.21 -13.44
C VAL B 201 4.92 -27.94 -14.77
N ASN B 202 4.75 -28.97 -15.58
CA ASN B 202 4.13 -28.81 -16.89
C ASN B 202 2.61 -28.86 -16.79
N ALA B 203 1.99 -27.68 -16.83
CA ALA B 203 0.55 -27.57 -16.71
C ALA B 203 -0.17 -27.81 -18.04
N ASP B 204 0.60 -28.14 -19.08
CA ASP B 204 0.03 -28.42 -20.39
C ASP B 204 -0.54 -29.84 -20.44
N GLN B 205 -0.17 -30.66 -19.47
CA GLN B 205 -0.64 -32.04 -19.38
C GLN B 205 -2.05 -32.05 -18.82
N PRO B 206 -2.70 -33.22 -18.81
CA PRO B 206 -4.05 -33.31 -18.27
C PRO B 206 -3.94 -33.01 -16.78
N LEU B 207 -4.98 -32.42 -16.20
CA LEU B 207 -4.95 -32.05 -14.78
C LEU B 207 -4.50 -33.15 -13.82
N GLU B 208 -4.91 -34.38 -14.07
CA GLU B 208 -4.54 -35.51 -13.21
C GLU B 208 -3.02 -35.65 -13.11
N ASN B 209 -2.34 -35.42 -14.23
CA ASN B 209 -0.89 -35.52 -14.28
C ASN B 209 -0.22 -34.33 -13.60
N VAL B 210 -0.78 -33.15 -13.80
CA VAL B 210 -0.22 -31.95 -13.21
C VAL B 210 -0.27 -32.09 -11.69
N VAL B 211 -1.34 -32.69 -11.17
CA VAL B 211 -1.48 -32.88 -9.73
C VAL B 211 -0.44 -33.84 -9.19
N GLU B 212 -0.30 -34.99 -9.85
CA GLU B 212 0.68 -35.99 -9.44
C GLU B 212 2.08 -35.38 -9.41
N ASP B 213 2.46 -34.72 -10.51
CA ASP B 213 3.77 -34.09 -10.61
C ASP B 213 3.98 -33.09 -9.49
N THR B 214 2.97 -32.26 -9.27
CA THR B 214 3.05 -31.24 -8.24
C THR B 214 3.17 -31.89 -6.87
N TYR B 215 2.34 -32.89 -6.61
CA TYR B 215 2.41 -33.58 -5.33
C TYR B 215 3.82 -34.15 -5.08
N GLN B 216 4.35 -34.88 -6.08
CA GLN B 216 5.68 -35.46 -5.96
C GLN B 216 6.75 -34.41 -5.68
N THR B 217 6.70 -33.30 -6.41
CA THR B 217 7.68 -32.24 -6.19
C THR B 217 7.66 -31.74 -4.74
N ILE B 218 6.47 -31.68 -4.16
CA ILE B 218 6.29 -31.20 -2.80
C ILE B 218 6.73 -32.22 -1.75
N ILE B 219 6.45 -33.49 -2.01
CA ILE B 219 6.84 -34.55 -1.10
C ILE B 219 8.37 -34.67 -1.07
N LYS B 220 9.02 -34.50 -2.21
CA LYS B 220 10.48 -34.58 -2.29
C LYS B 220 11.07 -33.48 -1.42
N TYR B 221 10.55 -32.26 -1.56
CA TYR B 221 11.02 -31.14 -0.76
C TYR B 221 10.80 -31.34 0.76
N LEU B 222 9.66 -31.90 1.15
CA LEU B 222 9.39 -32.12 2.57
C LEU B 222 10.17 -33.30 3.17
N GLU B 223 10.67 -34.18 2.30
CA GLU B 223 11.43 -35.37 2.73
C GLU B 223 12.93 -35.17 2.92
N LYS B 224 13.56 -34.47 1.99
CA LYS B 224 14.99 -34.22 2.07
C LYS B 224 15.40 -33.64 3.42
N ILE B 225 14.78 -32.66 3.86
P TMP C . -6.49 15.34 10.34
O1P TMP C . -7.63 15.27 9.40
O2P TMP C . -6.89 16.07 11.60
O3P TMP C . -5.31 15.97 9.69
O5' TMP C . -6.14 13.90 10.81
C5' TMP C . -5.68 12.77 9.97
C4' TMP C . -4.92 11.81 10.91
O4' TMP C . -4.33 10.72 10.14
C3' TMP C . -3.75 12.44 11.71
O3' TMP C . -4.05 12.25 13.09
C2' TMP C . -2.49 11.69 11.38
C1' TMP C . -2.94 10.62 10.41
N1 TMP C . -2.14 10.40 9.19
C2 TMP C . -1.08 9.48 9.24
O2 TMP C . -0.73 8.87 10.26
N3 TMP C . -0.39 9.37 8.02
C4 TMP C . -0.72 10.03 6.81
O4 TMP C . -0.05 9.84 5.81
C5 TMP C . -1.86 10.97 6.84
C5M TMP C . -2.30 11.71 5.63
C6 TMP C . -2.55 11.09 8.07
P TMP D . -7.19 -16.61 -8.96
O1P TMP D . -7.75 -16.75 -7.61
O2P TMP D . -7.93 -17.50 -9.95
O3P TMP D . -5.74 -16.91 -8.98
O5' TMP D . -7.43 -15.17 -9.44
C5' TMP D . -6.89 -13.95 -8.78
C4' TMP D . -6.67 -12.91 -9.88
O4' TMP D . -6.03 -11.74 -9.29
C3' TMP D . -5.75 -13.36 -11.04
O3' TMP D . -6.51 -13.23 -12.23
C2' TMP D . -4.57 -12.43 -11.09
C1' TMP D . -4.82 -11.44 -9.98
N1 TMP D . -3.74 -11.03 -9.06
C2 TMP D . -2.91 -9.95 -9.41
O2 TMP D . -3.02 -9.28 -10.47
N3 TMP D . -1.91 -9.67 -8.46
C4 TMP D . -1.71 -10.35 -7.23
O4 TMP D . -0.80 -10.00 -6.50
C5 TMP D . -2.63 -11.49 -6.92
C5M TMP D . -2.53 -12.29 -5.67
C6 TMP D . -3.63 -11.77 -7.89
#